data_5BJP
#
_entry.id   5BJP
#
_cell.length_a   36.642
_cell.length_b   55.438
_cell.length_c   98.676
_cell.angle_alpha   90.00
_cell.angle_beta   90.00
_cell.angle_gamma   90.00
#
_symmetry.space_group_name_H-M   'P 21 21 21'
#
loop_
_entity.id
_entity.type
_entity.pdbx_description
1 polymer 'RNA (36-MER)'
2 non-polymer 'IRIDIUM ION'
3 non-polymer 'POTASSIUM ION'
4 non-polymer 'MAGNESIUM ION'
5 non-polymer 'DIMETHYL SULFOXIDE'
6 non-polymer (5Z)-5-[(3,5-difluoro-4-hydroxyphenyl)methylidene]-2-[(E)-(hydroxyimino)methyl]-3-methyl-3,5-dihydro-4H-imidazol-4-one
7 water water
#
_entity_poly.entity_id   1
_entity_poly.type   'polyribonucleotide'
_entity_poly.pdbx_seq_one_letter_code
;GGCGCGAGGAAGGAGGUCUGAGGAGGUCACUGCGCC
;
_entity_poly.pdbx_strand_id   E,Y
#